data_1H30
#
_entry.id   1H30
#
_cell.length_a   111.310
_cell.length_b   111.310
_cell.length_c   217.720
_cell.angle_alpha   90.00
_cell.angle_beta   90.00
_cell.angle_gamma   90.00
#
_symmetry.space_group_name_H-M   'I 41 2 2'
#
loop_
_entity.id
_entity.type
_entity.pdbx_description
1 polymer 'GROWTH-ARREST-SPECIFIC PROTEIN'
2 non-polymer 'CALCIUM ION'
3 non-polymer 'SULFATE ION'
4 water water
#
_entity_poly.entity_id   1
_entity_poly.type   'polypeptide(L)'
_entity_poly.pdbx_seq_one_letter_code
;APLAHCDGRGGLKLSQDMDTCEDILPCVPFSVAKSVKSLYLGRMFSGTPVIRLRFKRLQPTRLVAEFDFRTFDPEGILLF
AGGHQDSTWIVLALRAGRLELQLRYNGVGRVTSSGPVINHGMWQTISVEELARNLVIKVNRDAVMKIAVAGDLFQPERGL
YHLNLTVGGIPFHEKDLVQPINPRLDGCMRSWNWLNGEDTTIQETVKVNTRMQCFSVTERGSFYPGSGFAFYSLDYMRTP
LDVGTESTWEVEVVAHIRPAADTGVLFALWAPDLRAVPLSVALVDYHSTKKLKKQLVVLAVEHTALALMEIKVCDGQEHV
VTVSLRDGEATLEVDGTRGQSEVSAAQLQERLAVLERHLRSPVLTFAGGLPDVPVTSAPVTAFYRGCMTLEVNRRLLDLD
EAAYKHSDITAHSCPPVEPAAA
;
_entity_poly.pdbx_strand_id   A
#
loop_
_chem_comp.id
_chem_comp.type
_chem_comp.name
_chem_comp.formula
CA non-polymer 'CALCIUM ION' 'Ca 2'
SO4 non-polymer 'SULFATE ION' 'O4 S -2'
#
# COMPACT_ATOMS: atom_id res chain seq x y z
N HIS A 5 19.70 -5.64 -25.79
CA HIS A 5 19.27 -5.74 -24.37
C HIS A 5 20.02 -4.80 -23.44
N CYS A 6 19.28 -3.93 -22.76
CA CYS A 6 19.85 -3.00 -21.80
C CYS A 6 19.38 -3.44 -20.41
N ASP A 7 19.89 -2.79 -19.37
CA ASP A 7 19.51 -3.15 -18.02
C ASP A 7 18.42 -2.24 -17.47
N GLY A 8 17.17 -2.66 -17.62
CA GLY A 8 16.04 -1.88 -17.13
C GLY A 8 16.11 -1.73 -15.62
N ARG A 9 16.42 -2.83 -14.95
CA ARG A 9 16.55 -2.86 -13.49
C ARG A 9 17.57 -1.81 -13.06
N GLY A 10 18.41 -1.39 -14.01
CA GLY A 10 19.44 -0.40 -13.73
C GLY A 10 19.07 1.00 -14.18
N GLY A 11 17.87 1.17 -14.71
CA GLY A 11 17.43 2.47 -15.17
C GLY A 11 17.82 2.80 -16.60
N LEU A 12 18.01 1.78 -17.42
CA LEU A 12 18.39 1.98 -18.81
C LEU A 12 17.43 1.31 -19.78
N LYS A 13 17.32 1.87 -20.98
CA LYS A 13 16.46 1.33 -22.02
C LYS A 13 17.10 1.56 -23.38
N LEU A 14 16.77 0.71 -24.34
CA LEU A 14 17.33 0.84 -25.69
C LEU A 14 16.78 2.12 -26.32
N SER A 15 17.66 2.91 -26.95
CA SER A 15 17.22 4.16 -27.56
C SER A 15 17.59 4.29 -29.04
N GLN A 16 16.83 5.12 -29.75
CA GLN A 16 17.03 5.40 -31.17
C GLN A 16 17.18 4.15 -32.04
N ASP A 17 18.27 4.08 -32.81
CA ASP A 17 18.50 2.95 -33.70
C ASP A 17 19.08 1.73 -32.98
N MET A 18 18.64 1.53 -31.74
CA MET A 18 19.08 0.39 -30.93
C MET A 18 20.60 0.27 -30.88
N ASP A 19 21.30 1.41 -30.91
CA ASP A 19 22.76 1.41 -30.86
C ASP A 19 23.28 1.64 -29.45
N THR A 20 22.48 2.28 -28.60
CA THR A 20 22.91 2.56 -27.24
C THR A 20 21.77 2.46 -26.22
N CYS A 21 22.16 2.45 -24.95
CA CYS A 21 21.21 2.39 -23.84
C CYS A 21 21.07 3.80 -23.30
N GLU A 22 19.85 4.17 -22.97
CA GLU A 22 19.56 5.51 -22.46
C GLU A 22 18.90 5.46 -21.09
N ASP A 23 19.00 6.55 -20.33
CA ASP A 23 18.40 6.60 -19.01
C ASP A 23 16.89 6.75 -19.11
N ILE A 24 16.17 6.08 -18.21
CA ILE A 24 14.72 6.16 -18.20
C ILE A 24 14.34 7.35 -17.31
N LEU A 25 13.91 8.44 -17.95
CA LEU A 25 13.54 9.65 -17.22
C LEU A 25 12.02 9.84 -17.14
N PRO A 26 11.54 10.47 -16.06
CA PRO A 26 10.11 10.71 -15.88
C PRO A 26 9.53 11.66 -16.91
N CYS A 27 8.42 11.28 -17.54
CA CYS A 27 7.80 12.17 -18.51
C CYS A 27 6.67 12.96 -17.85
N VAL A 28 6.30 12.57 -16.63
CA VAL A 28 5.25 13.23 -15.87
C VAL A 28 5.71 13.41 -14.42
N PRO A 29 5.73 14.67 -13.93
CA PRO A 29 6.16 14.95 -12.56
C PRO A 29 5.01 14.92 -11.57
N PHE A 30 5.26 14.32 -10.40
CA PHE A 30 4.28 14.26 -9.33
C PHE A 30 4.76 15.22 -8.24
N SER A 31 3.84 15.92 -7.58
CA SER A 31 4.20 16.87 -6.52
C SER A 31 5.05 16.24 -5.43
N VAL A 32 6.01 17.00 -4.93
CA VAL A 32 6.91 16.53 -3.88
C VAL A 32 6.67 17.30 -2.57
N ALA A 33 5.76 18.25 -2.61
CA ALA A 33 5.46 19.05 -1.44
C ALA A 33 5.17 18.17 -0.21
N LYS A 34 5.87 18.45 0.88
CA LYS A 34 5.68 17.72 2.12
C LYS A 34 5.05 18.66 3.14
N SER A 35 4.39 18.11 4.15
CA SER A 35 3.77 18.93 5.18
C SER A 35 4.71 18.86 6.38
N VAL A 36 5.55 19.88 6.51
CA VAL A 36 6.54 19.96 7.59
C VAL A 36 6.06 19.62 9.00
N LYS A 37 4.93 20.20 9.40
CA LYS A 37 4.40 19.95 10.73
C LYS A 37 3.44 18.77 10.80
N SER A 38 3.79 17.67 10.13
CA SER A 38 2.93 16.49 10.14
C SER A 38 3.74 15.22 10.40
N LEU A 39 3.06 14.13 10.74
CA LEU A 39 3.71 12.86 11.00
C LEU A 39 3.12 11.74 10.16
N TYR A 40 3.98 11.04 9.44
CA TYR A 40 3.56 9.92 8.61
C TYR A 40 3.64 8.66 9.48
N LEU A 41 2.52 7.95 9.61
CA LEU A 41 2.47 6.75 10.43
C LEU A 41 3.00 5.49 9.74
N GLY A 42 3.21 5.58 8.43
CA GLY A 42 3.70 4.43 7.69
C GLY A 42 5.07 3.95 8.15
N ARG A 43 5.46 2.76 7.69
CA ARG A 43 6.75 2.14 8.04
C ARG A 43 6.64 1.41 9.37
N PRO A 49 5.81 1.24 17.02
CA PRO A 49 5.28 2.58 17.24
C PRO A 49 6.23 3.66 16.73
N VAL A 50 5.74 4.58 15.91
CA VAL A 50 6.55 5.65 15.36
C VAL A 50 6.98 6.63 16.45
N ILE A 51 6.26 6.61 17.58
CA ILE A 51 6.56 7.49 18.70
C ILE A 51 6.02 6.91 20.00
N ARG A 52 6.86 6.90 21.03
CA ARG A 52 6.48 6.40 22.35
C ARG A 52 6.60 7.55 23.33
N LEU A 53 5.56 7.79 24.11
CA LEU A 53 5.57 8.87 25.08
C LEU A 53 5.34 8.34 26.50
N ARG A 54 5.89 9.05 27.48
CA ARG A 54 5.75 8.69 28.88
C ARG A 54 5.42 9.93 29.69
N PHE A 55 4.33 9.86 30.45
CA PHE A 55 3.92 10.99 31.27
C PHE A 55 3.99 10.69 32.76
N LYS A 56 5.06 11.13 33.40
CA LYS A 56 5.21 10.94 34.84
C LYS A 56 4.39 12.05 35.46
N ARG A 57 3.24 11.71 36.03
CA ARG A 57 2.36 12.72 36.61
C ARG A 57 2.12 12.57 38.11
N LEU A 58 2.46 13.63 38.85
CA LEU A 58 2.25 13.64 40.29
C LEU A 58 0.82 14.14 40.49
N GLN A 59 0.06 13.44 41.33
CA GLN A 59 -1.33 13.80 41.59
C GLN A 59 -2.23 13.11 40.55
N PRO A 60 -3.29 12.42 41.01
CA PRO A 60 -4.22 11.72 40.11
C PRO A 60 -4.63 12.55 38.90
N THR A 61 -4.83 11.89 37.77
CA THR A 61 -5.22 12.59 36.55
C THR A 61 -5.81 11.67 35.49
N ARG A 62 -6.70 12.23 34.67
CA ARG A 62 -7.36 11.46 33.61
C ARG A 62 -6.82 11.80 32.23
N LEU A 63 -6.82 10.79 31.35
CA LEU A 63 -6.32 10.96 29.99
C LEU A 63 -7.19 11.85 29.10
N VAL A 64 -6.53 12.73 28.36
CA VAL A 64 -7.17 13.63 27.42
C VAL A 64 -6.19 13.77 26.25
N ALA A 65 -6.68 13.57 25.03
CA ALA A 65 -5.83 13.68 23.84
C ALA A 65 -6.63 14.12 22.62
N GLU A 66 -6.02 14.98 21.81
CA GLU A 66 -6.67 15.49 20.61
C GLU A 66 -5.64 15.64 19.50
N PHE A 67 -6.03 15.33 18.27
CA PHE A 67 -5.12 15.44 17.13
C PHE A 67 -5.89 15.40 15.82
N ASP A 68 -5.24 15.86 14.74
CA ASP A 68 -5.85 15.82 13.41
C ASP A 68 -5.37 14.54 12.75
N PHE A 69 -6.24 13.92 11.95
CA PHE A 69 -5.92 12.65 11.29
C PHE A 69 -6.45 12.65 9.84
N ARG A 70 -5.73 11.96 8.95
CA ARG A 70 -6.11 11.85 7.53
C ARG A 70 -5.62 10.54 6.94
N THR A 71 -6.47 9.87 6.16
CA THR A 71 -6.08 8.59 5.54
C THR A 71 -7.16 8.04 4.60
N PHE A 72 -6.73 7.15 3.71
CA PHE A 72 -7.62 6.44 2.79
C PHE A 72 -7.53 4.96 3.22
N ASP A 73 -6.57 4.66 4.10
CA ASP A 73 -6.32 3.29 4.58
C ASP A 73 -7.50 2.74 5.41
N PRO A 74 -8.03 1.57 5.01
CA PRO A 74 -9.16 0.95 5.73
C PRO A 74 -8.88 0.30 7.08
N GLU A 75 -7.62 0.00 7.37
CA GLU A 75 -7.28 -0.71 8.61
C GLU A 75 -5.96 -0.28 9.21
N GLY A 76 -5.86 -0.33 10.53
CA GLY A 76 -4.61 0.06 11.17
C GLY A 76 -4.78 0.56 12.58
N ILE A 77 -3.67 0.85 13.24
CA ILE A 77 -3.71 1.35 14.61
C ILE A 77 -3.24 2.80 14.70
N LEU A 78 -4.07 3.66 15.29
CA LEU A 78 -3.72 5.07 15.46
C LEU A 78 -2.90 5.28 16.73
N LEU A 79 -3.35 4.72 17.85
CA LEU A 79 -2.60 4.85 19.10
C LEU A 79 -3.00 3.92 20.25
N PHE A 80 -2.13 3.90 21.26
CA PHE A 80 -2.29 3.09 22.46
C PHE A 80 -2.09 3.98 23.66
N ALA A 81 -2.78 3.69 24.76
CA ALA A 81 -2.66 4.46 25.99
C ALA A 81 -2.98 3.57 27.18
N GLY A 82 -2.12 3.59 28.19
CA GLY A 82 -2.34 2.77 29.37
C GLY A 82 -1.07 2.18 29.94
N GLY A 83 -1.18 0.99 30.53
CA GLY A 83 -0.02 0.34 31.12
C GLY A 83 0.28 -1.04 30.57
N HIS A 84 0.77 -1.93 31.43
CA HIS A 84 1.13 -3.29 31.05
C HIS A 84 -0.01 -4.02 30.35
N GLN A 85 0.37 -4.83 29.37
CA GLN A 85 -0.58 -5.62 28.57
C GLN A 85 -1.65 -6.35 29.38
N ASP A 86 -1.36 -6.63 30.64
CA ASP A 86 -2.28 -7.34 31.52
C ASP A 86 -3.04 -6.41 32.47
N SER A 87 -2.77 -5.11 32.38
CA SER A 87 -3.43 -4.12 33.22
C SER A 87 -4.64 -3.50 32.53
N THR A 88 -4.65 -2.17 32.49
CA THR A 88 -5.73 -1.44 31.85
C THR A 88 -5.19 -0.58 30.72
N TRP A 89 -5.88 -0.57 29.59
CA TRP A 89 -5.45 0.20 28.44
C TRP A 89 -6.52 0.29 27.37
N ILE A 90 -6.29 1.18 26.41
CA ILE A 90 -7.20 1.38 25.29
C ILE A 90 -6.38 1.48 24.01
N VAL A 91 -7.01 1.11 22.90
CA VAL A 91 -6.38 1.19 21.60
C VAL A 91 -7.40 1.75 20.63
N LEU A 92 -7.00 2.80 19.93
CA LEU A 92 -7.86 3.41 18.92
C LEU A 92 -7.33 2.91 17.58
N ALA A 93 -8.19 2.26 16.79
CA ALA A 93 -7.80 1.72 15.49
C ALA A 93 -8.87 1.97 14.43
N LEU A 94 -8.63 1.40 13.25
CA LEU A 94 -9.55 1.53 12.13
C LEU A 94 -9.72 0.13 11.52
N ARG A 95 -10.95 -0.22 11.19
CA ARG A 95 -11.25 -1.51 10.56
C ARG A 95 -12.36 -1.29 9.54
N ALA A 96 -12.11 -1.72 8.30
CA ALA A 96 -13.09 -1.53 7.23
C ALA A 96 -13.38 -0.04 7.07
N GLY A 97 -12.41 0.80 7.41
CA GLY A 97 -12.58 2.23 7.27
C GLY A 97 -13.28 2.96 8.41
N ARG A 98 -13.72 2.22 9.43
CA ARG A 98 -14.42 2.81 10.57
C ARG A 98 -13.59 2.80 11.85
N LEU A 99 -13.80 3.82 12.68
CA LEU A 99 -13.09 3.93 13.95
C LEU A 99 -13.47 2.77 14.84
N GLU A 100 -12.49 2.21 15.52
CA GLU A 100 -12.70 1.08 16.41
C GLU A 100 -11.93 1.29 17.70
N LEU A 101 -12.62 1.11 18.83
CA LEU A 101 -12.01 1.26 20.14
C LEU A 101 -11.98 -0.09 20.85
N GLN A 102 -10.79 -0.52 21.25
CA GLN A 102 -10.62 -1.76 21.98
C GLN A 102 -10.19 -1.38 23.39
N LEU A 103 -10.73 -2.06 24.39
CA LEU A 103 -10.41 -1.76 25.78
C LEU A 103 -10.16 -2.98 26.63
N ARG A 104 -9.28 -2.84 27.61
CA ARG A 104 -8.99 -3.92 28.52
C ARG A 104 -8.87 -3.33 29.91
N TYR A 105 -9.85 -3.62 30.76
CA TYR A 105 -9.84 -3.13 32.13
C TYR A 105 -9.70 -4.30 33.10
N ASN A 106 -8.50 -4.46 33.63
CA ASN A 106 -8.18 -5.54 34.55
C ASN A 106 -8.30 -6.88 33.81
N GLY A 107 -7.60 -6.97 32.68
CA GLY A 107 -7.62 -8.18 31.88
C GLY A 107 -8.85 -8.39 31.01
N VAL A 108 -10.00 -7.87 31.44
CA VAL A 108 -11.25 -8.02 30.68
C VAL A 108 -11.29 -7.13 29.44
N GLY A 109 -11.48 -7.76 28.28
CA GLY A 109 -11.51 -7.00 27.05
C GLY A 109 -12.84 -6.82 26.36
N ARG A 110 -13.02 -5.64 25.77
CA ARG A 110 -14.22 -5.28 25.02
C ARG A 110 -13.79 -4.51 23.76
N VAL A 111 -14.67 -4.46 22.77
CA VAL A 111 -14.39 -3.76 21.53
C VAL A 111 -15.67 -3.22 20.90
N THR A 112 -15.63 -1.97 20.47
CA THR A 112 -16.78 -1.34 19.82
C THR A 112 -16.35 -0.45 18.67
N SER A 113 -17.27 -0.23 17.74
CA SER A 113 -17.01 0.61 16.58
C SER A 113 -18.34 1.18 16.10
N SER A 114 -18.34 2.45 15.72
CA SER A 114 -19.56 3.10 15.27
C SER A 114 -19.54 3.44 13.78
N GLY A 115 -20.64 4.03 13.31
CA GLY A 115 -20.77 4.39 11.91
C GLY A 115 -19.89 5.48 11.33
N PRO A 116 -18.95 6.07 12.10
CA PRO A 116 -18.15 7.11 11.43
C PRO A 116 -17.15 6.55 10.42
N VAL A 117 -17.42 6.77 9.14
CA VAL A 117 -16.49 6.34 8.09
C VAL A 117 -15.39 7.39 8.18
N ILE A 118 -14.15 6.95 8.36
CA ILE A 118 -13.05 7.88 8.52
C ILE A 118 -12.00 7.92 7.41
N ASN A 119 -11.90 6.86 6.62
CA ASN A 119 -10.89 6.80 5.58
C ASN A 119 -11.28 7.45 4.25
N HIS A 120 -11.77 8.68 4.33
CA HIS A 120 -12.20 9.44 3.16
C HIS A 120 -11.13 10.41 2.64
N GLY A 121 -9.98 10.43 3.28
CA GLY A 121 -8.89 11.30 2.83
C GLY A 121 -8.97 12.76 3.22
N MET A 122 -9.96 13.14 4.02
CA MET A 122 -10.08 14.54 4.44
C MET A 122 -9.61 14.66 5.88
N TRP A 123 -8.88 15.74 6.18
CA TRP A 123 -8.40 15.98 7.54
C TRP A 123 -9.60 16.09 8.48
N GLN A 124 -9.44 15.56 9.69
CA GLN A 124 -10.49 15.62 10.70
C GLN A 124 -9.84 15.63 12.08
N THR A 125 -10.54 16.21 13.05
CA THR A 125 -10.03 16.24 14.42
C THR A 125 -10.62 15.09 15.24
N ILE A 126 -9.77 14.36 15.95
CA ILE A 126 -10.21 13.24 16.78
C ILE A 126 -9.79 13.48 18.22
N SER A 127 -10.70 13.24 19.16
CA SER A 127 -10.37 13.44 20.57
C SER A 127 -10.75 12.24 21.44
N VAL A 128 -9.92 11.97 22.43
CA VAL A 128 -10.12 10.87 23.35
C VAL A 128 -10.03 11.40 24.78
N GLU A 129 -11.05 11.13 25.58
CA GLU A 129 -11.03 11.60 26.95
C GLU A 129 -11.65 10.63 27.94
N GLU A 130 -10.90 10.41 29.01
CA GLU A 130 -11.29 9.52 30.09
C GLU A 130 -12.00 10.30 31.17
N LEU A 131 -13.30 10.04 31.32
CA LEU A 131 -14.09 10.69 32.36
C LEU A 131 -14.25 9.64 33.45
N ALA A 132 -14.34 10.06 34.70
CA ALA A 132 -14.49 9.12 35.81
C ALA A 132 -15.61 8.12 35.54
N ARG A 133 -16.56 8.54 34.72
CA ARG A 133 -17.72 7.74 34.38
C ARG A 133 -17.59 6.90 33.10
N ASN A 134 -17.14 7.53 32.02
CA ASN A 134 -17.00 6.82 30.74
C ASN A 134 -15.79 7.29 29.94
N LEU A 135 -15.61 6.65 28.79
CA LEU A 135 -14.56 7.00 27.84
C LEU A 135 -15.36 7.60 26.69
N VAL A 136 -14.97 8.80 26.25
CA VAL A 136 -15.68 9.44 25.15
C VAL A 136 -14.75 9.71 23.98
N ILE A 137 -15.19 9.33 22.78
CA ILE A 137 -14.41 9.55 21.57
C ILE A 137 -15.20 10.48 20.67
N LYS A 138 -14.55 11.54 20.20
CA LYS A 138 -15.21 12.50 19.32
C LYS A 138 -14.52 12.69 17.98
N VAL A 139 -15.31 12.94 16.94
CA VAL A 139 -14.82 13.20 15.60
C VAL A 139 -15.38 14.57 15.23
N ASN A 140 -14.50 15.55 15.06
CA ASN A 140 -14.90 16.91 14.74
C ASN A 140 -15.90 17.41 15.80
N ARG A 141 -15.50 17.31 17.07
CA ARG A 141 -16.31 17.75 18.20
C ARG A 141 -17.55 16.89 18.50
N ASP A 142 -18.02 16.12 17.52
CA ASP A 142 -19.19 15.26 17.74
C ASP A 142 -18.84 13.92 18.36
N ALA A 143 -19.49 13.60 19.47
CA ALA A 143 -19.25 12.33 20.16
C ALA A 143 -19.76 11.20 19.30
N VAL A 144 -18.93 10.19 19.08
CA VAL A 144 -19.33 9.04 18.26
C VAL A 144 -19.30 7.73 19.06
N MET A 145 -18.62 7.74 20.19
CA MET A 145 -18.53 6.55 21.05
C MET A 145 -18.49 6.96 22.52
N LYS A 146 -19.21 6.21 23.34
CA LYS A 146 -19.27 6.44 24.78
C LYS A 146 -19.41 5.06 25.43
N ILE A 147 -18.39 4.66 26.19
CA ILE A 147 -18.43 3.36 26.84
C ILE A 147 -18.21 3.51 28.34
N ALA A 148 -19.07 2.86 29.12
CA ALA A 148 -18.94 2.91 30.57
C ALA A 148 -17.72 2.10 31.00
N VAL A 149 -16.95 2.66 31.94
CA VAL A 149 -15.76 1.99 32.44
C VAL A 149 -15.59 2.23 33.94
N ALA A 150 -14.87 1.32 34.58
CA ALA A 150 -14.59 1.40 36.01
C ALA A 150 -13.11 1.09 36.19
N GLY A 151 -12.30 2.13 36.24
CA GLY A 151 -10.87 1.95 36.40
C GLY A 151 -10.12 3.21 35.99
N ASP A 152 -8.79 3.14 35.94
CA ASP A 152 -8.00 4.30 35.57
C ASP A 152 -6.88 3.95 34.60
N LEU A 153 -6.72 4.80 33.57
CA LEU A 153 -5.67 4.58 32.58
C LEU A 153 -4.31 4.87 33.19
N PHE A 154 -4.24 5.89 34.05
CA PHE A 154 -2.99 6.22 34.73
C PHE A 154 -2.81 5.19 35.84
N GLN A 155 -1.56 4.85 36.15
CA GLN A 155 -1.29 3.86 37.19
C GLN A 155 -0.20 4.30 38.16
N PRO A 156 -0.47 4.19 39.47
CA PRO A 156 0.45 4.55 40.54
C PRO A 156 1.76 3.77 40.60
N GLU A 157 2.87 4.49 40.61
CA GLU A 157 4.20 3.89 40.71
C GLU A 157 4.99 4.74 41.69
N ARG A 158 5.30 4.16 42.84
CA ARG A 158 6.03 4.87 43.90
C ARG A 158 5.09 5.94 44.46
N GLY A 159 5.39 7.20 44.16
CA GLY A 159 4.57 8.29 44.64
C GLY A 159 4.04 9.14 43.49
N LEU A 160 4.05 8.58 42.29
CA LEU A 160 3.59 9.28 41.10
C LEU A 160 2.58 8.46 40.30
N TYR A 161 2.00 9.08 39.28
CA TYR A 161 1.05 8.42 38.40
C TYR A 161 1.62 8.42 36.98
N HIS A 162 1.75 7.23 36.40
CA HIS A 162 2.32 7.10 35.06
C HIS A 162 1.34 6.62 34.00
N LEU A 163 1.70 6.87 32.74
CA LEU A 163 0.88 6.48 31.60
C LEU A 163 1.72 6.48 30.33
N ASN A 164 1.72 5.36 29.61
CA ASN A 164 2.47 5.27 28.37
C ASN A 164 1.52 5.42 27.18
N LEU A 165 1.98 6.08 26.14
CA LEU A 165 1.18 6.29 24.94
C LEU A 165 2.01 6.12 23.68
N THR A 166 1.61 5.18 22.82
CA THR A 166 2.34 4.96 21.57
C THR A 166 1.49 5.43 20.40
N VAL A 167 2.16 5.90 19.34
CA VAL A 167 1.48 6.41 18.16
C VAL A 167 1.83 5.60 16.92
N GLY A 168 0.80 5.13 16.21
CA GLY A 168 1.03 4.37 15.00
C GLY A 168 1.27 2.89 15.23
N GLY A 169 1.07 2.44 16.48
CA GLY A 169 1.27 1.05 16.81
C GLY A 169 1.09 0.80 18.29
N ILE A 170 1.28 -0.45 18.71
CA ILE A 170 1.15 -0.87 20.10
C ILE A 170 2.47 -1.39 20.67
N PRO A 171 2.66 -1.28 22.00
CA PRO A 171 3.87 -1.72 22.72
C PRO A 171 4.05 -3.23 22.81
N PHE A 172 3.05 -3.98 22.37
CA PHE A 172 3.12 -5.44 22.42
C PHE A 172 2.69 -6.01 21.09
N HIS A 173 2.41 -7.32 21.06
CA HIS A 173 2.02 -7.94 19.80
C HIS A 173 0.52 -7.91 19.53
N GLU A 174 0.18 -7.74 18.25
CA GLU A 174 -1.20 -7.67 17.78
C GLU A 174 -2.05 -8.87 18.19
N LYS A 175 -1.42 -9.99 18.49
CA LYS A 175 -2.15 -11.18 18.88
C LYS A 175 -2.72 -11.07 20.30
N ASP A 176 -2.25 -10.08 21.04
CA ASP A 176 -2.72 -9.86 22.41
C ASP A 176 -3.80 -8.79 22.53
N LEU A 177 -4.30 -8.34 21.39
CA LEU A 177 -5.36 -7.35 21.37
C LEU A 177 -6.67 -8.08 21.66
N VAL A 178 -7.74 -7.33 21.89
CA VAL A 178 -9.04 -7.97 22.13
C VAL A 178 -9.45 -8.64 20.82
N GLN A 179 -9.19 -7.95 19.71
CA GLN A 179 -9.50 -8.48 18.37
C GLN A 179 -8.30 -8.23 17.46
N PRO A 180 -7.75 -9.30 16.85
CA PRO A 180 -6.59 -9.21 15.95
C PRO A 180 -6.76 -8.17 14.83
N ILE A 181 -5.66 -7.54 14.43
CA ILE A 181 -5.70 -6.51 13.39
C ILE A 181 -4.32 -6.28 12.79
N ASN A 182 -4.28 -5.91 11.50
CA ASN A 182 -3.02 -5.61 10.83
C ASN A 182 -2.79 -4.13 11.11
N PRO A 183 -1.86 -3.81 12.03
CA PRO A 183 -1.49 -2.46 12.48
C PRO A 183 -0.97 -1.42 11.47
N ARG A 184 -0.32 -1.87 10.40
CA ARG A 184 0.24 -0.96 9.40
C ARG A 184 -0.76 0.07 8.94
N LEU A 185 -0.47 1.34 9.19
CA LEU A 185 -1.39 2.41 8.82
C LEU A 185 -0.75 3.51 7.98
N ASP A 186 -1.15 3.58 6.71
CA ASP A 186 -0.65 4.65 5.84
C ASP A 186 -1.60 5.82 6.11
N GLY A 187 -1.27 6.60 7.14
CA GLY A 187 -2.10 7.74 7.50
C GLY A 187 -1.25 8.86 8.07
N CYS A 188 -1.84 10.04 8.23
CA CYS A 188 -1.11 11.20 8.72
C CYS A 188 -1.74 11.87 9.94
N MET A 189 -0.89 12.47 10.78
CA MET A 189 -1.33 13.16 11.98
C MET A 189 -0.69 14.55 12.05
N ARG A 190 -1.35 15.48 12.73
CA ARG A 190 -0.84 16.84 12.92
C ARG A 190 -1.60 17.51 14.07
N SER A 191 -1.07 18.62 14.56
CA SER A 191 -1.70 19.38 15.65
C SER A 191 -1.98 18.51 16.88
N TRP A 192 -0.98 17.75 17.31
CA TRP A 192 -1.10 16.87 18.48
C TRP A 192 -1.26 17.70 19.75
N ASN A 193 -2.12 17.25 20.65
CA ASN A 193 -2.35 17.93 21.91
C ASN A 193 -2.62 16.93 23.02
N TRP A 194 -1.56 16.52 23.72
CA TRP A 194 -1.67 15.55 24.81
C TRP A 194 -1.84 16.27 26.14
N LEU A 195 -2.98 16.08 26.79
CA LEU A 195 -3.26 16.70 28.07
C LEU A 195 -3.30 18.22 27.96
N THR A 205 6.33 16.32 19.52
CA THR A 205 7.02 15.26 18.80
C THR A 205 7.59 15.80 17.49
N VAL A 206 7.63 17.12 17.39
CA VAL A 206 8.14 17.79 16.20
C VAL A 206 9.65 17.65 16.04
N LYS A 207 10.08 16.56 15.40
CA LYS A 207 11.50 16.33 15.16
C LYS A 207 11.72 16.25 13.65
N VAL A 208 12.27 17.32 13.11
CA VAL A 208 12.52 17.45 11.68
C VAL A 208 13.31 16.30 11.03
N ASN A 209 12.58 15.45 10.33
CA ASN A 209 13.16 14.31 9.61
C ASN A 209 12.27 14.06 8.40
N THR A 210 12.46 14.87 7.36
CA THR A 210 11.69 14.81 6.12
C THR A 210 10.96 13.49 5.87
N ARG A 211 11.66 12.39 6.05
CA ARG A 211 11.09 11.07 5.84
C ARG A 211 9.87 10.79 6.72
N MET A 212 9.77 11.53 7.83
CA MET A 212 8.67 11.38 8.77
C MET A 212 7.51 12.33 8.47
N GLN A 213 7.62 13.08 7.38
CA GLN A 213 6.58 14.03 6.99
C GLN A 213 5.71 13.41 5.89
N CYS A 214 4.44 13.80 5.85
CA CYS A 214 3.52 13.24 4.85
C CYS A 214 3.40 14.12 3.61
N PHE A 215 2.88 13.52 2.54
CA PHE A 215 2.63 14.28 1.32
C PHE A 215 1.72 15.41 1.76
N SER A 216 1.86 16.59 1.15
CA SER A 216 1.00 17.72 1.50
C SER A 216 -0.43 17.45 1.00
N VAL A 217 -0.51 16.78 -0.14
CA VAL A 217 -1.80 16.44 -0.75
C VAL A 217 -1.80 14.96 -1.13
N THR A 218 -2.93 14.28 -0.90
CA THR A 218 -3.03 12.86 -1.24
C THR A 218 -4.19 12.51 -2.17
N GLU A 219 -3.98 11.45 -2.95
CA GLU A 219 -4.98 10.92 -3.87
C GLU A 219 -5.00 9.41 -3.59
N ARG A 220 -6.03 8.72 -4.08
CA ARG A 220 -6.17 7.29 -3.88
C ARG A 220 -5.18 6.48 -4.73
N GLY A 221 -4.81 5.31 -4.23
CA GLY A 221 -3.89 4.43 -4.94
C GLY A 221 -2.65 4.09 -4.13
N SER A 222 -1.68 3.46 -4.77
CA SER A 222 -0.41 3.10 -4.13
C SER A 222 0.69 3.76 -4.99
N PHE A 223 1.64 4.41 -4.36
CA PHE A 223 2.69 5.07 -5.14
C PHE A 223 4.02 4.32 -5.16
N TYR A 224 4.52 4.08 -6.37
CA TYR A 224 5.79 3.40 -6.56
C TYR A 224 6.80 4.43 -7.06
N PRO A 225 7.76 4.81 -6.21
CA PRO A 225 8.79 5.80 -6.58
C PRO A 225 9.69 5.29 -7.72
N GLY A 226 9.69 3.98 -7.94
CA GLY A 226 10.50 3.40 -9.00
C GLY A 226 11.83 2.81 -8.55
N SER A 227 11.87 2.35 -7.30
CA SER A 227 13.08 1.80 -6.71
C SER A 227 12.94 0.44 -6.02
N GLY A 228 11.73 -0.13 -6.02
CA GLY A 228 11.49 -1.40 -5.37
C GLY A 228 10.20 -2.07 -5.81
N PHE A 229 9.88 -3.21 -5.20
CA PHE A 229 8.67 -3.96 -5.53
C PHE A 229 8.02 -4.49 -4.25
N ALA A 230 6.98 -5.29 -4.42
CA ALA A 230 6.29 -5.95 -3.31
C ALA A 230 5.92 -7.29 -3.89
N PHE A 231 5.90 -8.35 -3.07
CA PHE A 231 5.53 -9.66 -3.61
C PHE A 231 4.64 -10.47 -2.67
N TYR A 232 3.84 -11.34 -3.28
CA TYR A 232 2.89 -12.19 -2.56
C TYR A 232 3.03 -13.62 -3.03
N SER A 233 2.43 -14.53 -2.26
CA SER A 233 2.39 -15.94 -2.63
C SER A 233 0.91 -16.21 -2.90
N LEU A 234 0.54 -16.26 -4.16
CA LEU A 234 -0.83 -16.50 -4.58
C LEU A 234 -0.90 -17.74 -5.46
N ASP A 235 -1.99 -18.49 -5.36
CA ASP A 235 -2.17 -19.69 -6.16
C ASP A 235 -3.13 -19.41 -7.31
N TYR A 236 -2.78 -19.87 -8.51
CA TYR A 236 -3.64 -19.64 -9.68
C TYR A 236 -4.30 -20.89 -10.22
N MET A 237 -4.13 -22.01 -9.52
CA MET A 237 -4.73 -23.26 -9.96
C MET A 237 -6.22 -23.35 -9.65
N ARG A 238 -7.00 -23.67 -10.68
CA ARG A 238 -8.44 -23.81 -10.57
C ARG A 238 -9.08 -22.65 -9.82
N SER A 247 -11.33 -24.59 -17.66
CA SER A 247 -9.88 -24.52 -17.52
C SER A 247 -9.44 -24.96 -16.13
N THR A 248 -8.22 -25.47 -16.03
CA THR A 248 -7.67 -25.94 -14.76
C THR A 248 -6.93 -24.83 -14.02
N TRP A 249 -6.66 -23.72 -14.72
CA TRP A 249 -5.95 -22.59 -14.13
C TRP A 249 -6.55 -21.28 -14.61
N GLU A 250 -6.14 -20.16 -14.00
CA GLU A 250 -6.69 -18.87 -14.38
C GLU A 250 -5.91 -17.67 -13.85
N VAL A 251 -5.65 -16.70 -14.72
CA VAL A 251 -4.95 -15.49 -14.34
C VAL A 251 -5.73 -14.28 -14.83
N GLU A 252 -6.17 -13.45 -13.89
CA GLU A 252 -6.94 -12.25 -14.24
C GLU A 252 -6.37 -11.06 -13.48
N VAL A 253 -6.05 -10.00 -14.22
CA VAL A 253 -5.48 -8.82 -13.59
C VAL A 253 -6.14 -7.54 -14.07
N VAL A 254 -6.40 -6.64 -13.14
CA VAL A 254 -6.97 -5.34 -13.46
C VAL A 254 -6.07 -4.34 -12.76
N ALA A 255 -5.44 -3.47 -13.54
CA ALA A 255 -4.55 -2.46 -12.99
C ALA A 255 -4.92 -1.05 -13.38
N HIS A 256 -5.17 -0.20 -12.38
CA HIS A 256 -5.50 1.20 -12.63
C HIS A 256 -4.17 1.93 -12.44
N ILE A 257 -3.65 2.53 -13.50
CA ILE A 257 -2.36 3.19 -13.44
C ILE A 257 -2.34 4.65 -13.89
N ARG A 258 -1.41 5.41 -13.30
CA ARG A 258 -1.18 6.80 -13.62
C ARG A 258 0.35 6.87 -13.62
N PRO A 259 0.97 6.45 -14.73
CA PRO A 259 2.44 6.43 -14.88
C PRO A 259 3.18 7.75 -14.86
N ALA A 260 4.43 7.67 -14.43
CA ALA A 260 5.32 8.84 -14.39
C ALA A 260 6.41 8.65 -15.45
N ALA A 261 6.54 7.41 -15.95
CA ALA A 261 7.56 7.05 -16.96
C ALA A 261 7.05 5.97 -17.93
N ASP A 262 7.56 6.00 -19.15
CA ASP A 262 7.13 5.07 -20.21
C ASP A 262 7.61 3.63 -20.18
N THR A 263 8.40 3.27 -19.17
CA THR A 263 8.91 1.89 -19.09
C THR A 263 8.88 1.37 -17.65
N GLY A 264 8.48 0.11 -17.49
CA GLY A 264 8.42 -0.46 -16.16
C GLY A 264 7.47 -1.64 -16.03
N VAL A 265 7.77 -2.54 -15.11
CA VAL A 265 6.96 -3.73 -14.86
C VAL A 265 5.78 -3.42 -13.94
N LEU A 266 4.58 -3.79 -14.35
CA LEU A 266 3.38 -3.55 -13.53
C LEU A 266 3.09 -4.77 -12.68
N PHE A 267 3.03 -5.94 -13.34
CA PHE A 267 2.71 -7.20 -12.69
C PHE A 267 3.55 -8.33 -13.29
N ALA A 268 3.97 -9.29 -12.47
CA ALA A 268 4.77 -10.39 -12.98
C ALA A 268 4.82 -11.59 -12.04
N LEU A 269 5.05 -12.78 -12.61
CA LEU A 269 5.17 -13.99 -11.81
C LEU A 269 6.63 -14.42 -11.90
N TRP A 270 7.14 -14.98 -10.80
CA TRP A 270 8.54 -15.42 -10.75
C TRP A 270 8.64 -16.88 -10.31
N ALA A 271 9.42 -17.65 -11.04
CA ALA A 271 9.67 -19.07 -10.75
C ALA A 271 11.15 -19.15 -10.33
N PRO A 272 11.42 -18.99 -9.02
CA PRO A 272 12.76 -19.01 -8.41
C PRO A 272 13.75 -20.07 -8.88
N ASP A 273 13.40 -21.34 -8.73
CA ASP A 273 14.30 -22.41 -9.10
C ASP A 273 14.57 -22.55 -10.60
N LEU A 274 13.92 -21.73 -11.42
CA LEU A 274 14.13 -21.78 -12.87
C LEU A 274 14.64 -20.44 -13.41
N ARG A 275 14.79 -19.46 -12.54
CA ARG A 275 15.25 -18.13 -12.94
C ARG A 275 14.40 -17.64 -14.13
N ALA A 276 13.12 -18.00 -14.12
CA ALA A 276 12.21 -17.62 -15.18
C ALA A 276 11.09 -16.68 -14.73
N VAL A 277 10.50 -16.00 -15.71
CA VAL A 277 9.39 -15.08 -15.47
C VAL A 277 8.25 -15.56 -16.37
N PRO A 278 7.47 -16.54 -15.89
CA PRO A 278 6.34 -17.15 -16.61
C PRO A 278 5.34 -16.20 -17.27
N LEU A 279 5.08 -15.07 -16.62
CA LEU A 279 4.11 -14.09 -17.14
C LEU A 279 4.44 -12.69 -16.62
N SER A 280 4.23 -11.68 -17.45
CA SER A 280 4.47 -10.30 -17.02
C SER A 280 3.63 -9.31 -17.82
N VAL A 281 3.30 -8.18 -17.21
CA VAL A 281 2.53 -7.12 -17.87
C VAL A 281 3.34 -5.85 -17.62
N ALA A 282 3.77 -5.17 -18.69
CA ALA A 282 4.60 -3.98 -18.53
C ALA A 282 4.42 -2.90 -19.58
N LEU A 283 4.96 -1.73 -19.26
CA LEU A 283 4.93 -0.58 -20.15
C LEU A 283 6.26 -0.63 -20.93
N VAL A 284 6.20 -0.40 -22.24
CA VAL A 284 7.39 -0.42 -23.09
C VAL A 284 7.24 0.67 -24.16
N ASP A 285 8.34 1.35 -24.49
CA ASP A 285 8.29 2.42 -25.47
C ASP A 285 8.78 2.07 -26.87
N TYR A 286 8.88 0.79 -27.18
CA TYR A 286 9.35 0.36 -28.50
C TYR A 286 8.61 -0.89 -29.02
N HIS A 287 8.19 -0.84 -30.28
CA HIS A 287 7.49 -1.96 -30.89
C HIS A 287 8.43 -2.76 -31.79
N LYS A 293 9.46 2.52 -32.27
CA LYS A 293 9.23 3.37 -31.11
C LYS A 293 7.77 3.76 -30.97
N LYS A 294 7.10 3.19 -29.99
CA LYS A 294 5.70 3.46 -29.73
C LYS A 294 5.47 3.28 -28.23
N GLN A 295 4.51 4.01 -27.67
CA GLN A 295 4.21 3.88 -26.25
C GLN A 295 3.22 2.73 -26.13
N LEU A 296 3.69 1.62 -25.55
CA LEU A 296 2.87 0.43 -25.43
C LEU A 296 2.82 -0.27 -24.07
N VAL A 297 1.86 -1.18 -23.98
CA VAL A 297 1.66 -2.04 -22.82
C VAL A 297 1.89 -3.41 -23.46
N VAL A 298 2.69 -4.26 -22.83
CA VAL A 298 2.94 -5.58 -23.39
C VAL A 298 2.50 -6.68 -22.43
N LEU A 299 1.97 -7.77 -22.98
CA LEU A 299 1.56 -8.94 -22.19
C LEU A 299 2.50 -10.05 -22.65
N ALA A 300 3.21 -10.68 -21.72
CA ALA A 300 4.14 -11.73 -22.13
C ALA A 300 4.26 -12.95 -21.25
N VAL A 301 4.72 -14.04 -21.88
CA VAL A 301 4.99 -15.30 -21.20
C VAL A 301 6.49 -15.47 -21.44
N GLU A 302 7.27 -15.34 -20.38
CA GLU A 302 8.71 -15.41 -20.47
C GLU A 302 9.15 -14.29 -21.41
N HIS A 303 9.95 -14.62 -22.41
CA HIS A 303 10.44 -13.61 -23.36
C HIS A 303 9.49 -13.30 -24.51
N THR A 304 8.49 -14.16 -24.71
CA THR A 304 7.56 -13.98 -25.83
C THR A 304 6.36 -13.06 -25.57
N ALA A 305 6.28 -12.01 -26.38
CA ALA A 305 5.18 -11.06 -26.27
C ALA A 305 3.93 -11.69 -26.92
N LEU A 306 2.86 -11.84 -26.15
CA LEU A 306 1.63 -12.42 -26.70
C LEU A 306 0.76 -11.33 -27.32
N ALA A 307 0.83 -10.13 -26.77
CA ALA A 307 0.02 -9.02 -27.29
C ALA A 307 0.57 -7.65 -26.92
N LEU A 308 0.27 -6.68 -27.79
CA LEU A 308 0.70 -5.30 -27.61
C LEU A 308 -0.53 -4.40 -27.78
N MET A 309 -0.55 -3.27 -27.06
CA MET A 309 -1.65 -2.32 -27.17
C MET A 309 -1.13 -0.92 -26.85
N GLU A 310 -1.44 0.03 -27.73
CA GLU A 310 -1.00 1.42 -27.56
C GLU A 310 -1.59 2.06 -26.32
N ILE A 311 -0.88 3.07 -25.79
CA ILE A 311 -1.34 3.77 -24.59
C ILE A 311 -0.62 5.12 -24.45
N LYS A 312 -1.37 6.15 -24.06
CA LYS A 312 -0.82 7.49 -23.86
C LYS A 312 -0.18 7.53 -22.47
N VAL A 313 0.94 6.83 -22.30
CA VAL A 313 1.61 6.74 -21.00
C VAL A 313 2.14 8.02 -20.38
N CYS A 314 2.26 9.08 -21.17
CA CYS A 314 2.81 10.33 -20.64
C CYS A 314 1.84 11.51 -20.60
N ASP A 315 0.54 11.26 -20.73
CA ASP A 315 -0.39 12.38 -20.70
C ASP A 315 -0.93 12.69 -19.31
N GLY A 316 -0.43 11.97 -18.30
CA GLY A 316 -0.85 12.21 -16.93
C GLY A 316 -2.20 11.67 -16.51
N GLN A 317 -2.88 10.96 -17.40
CA GLN A 317 -4.20 10.40 -17.12
C GLN A 317 -4.15 9.00 -16.50
N GLU A 318 -5.28 8.58 -15.94
CA GLU A 318 -5.38 7.25 -15.35
C GLU A 318 -5.89 6.31 -16.44
N HIS A 319 -5.33 5.11 -16.51
CA HIS A 319 -5.73 4.12 -17.51
C HIS A 319 -6.02 2.79 -16.82
N VAL A 320 -6.92 2.01 -17.42
CA VAL A 320 -7.27 0.69 -16.88
C VAL A 320 -6.68 -0.37 -17.80
N VAL A 321 -5.77 -1.18 -17.26
CA VAL A 321 -5.15 -2.24 -18.04
C VAL A 321 -5.68 -3.55 -17.51
N THR A 322 -6.22 -4.38 -18.39
CA THR A 322 -6.75 -5.65 -17.94
C THR A 322 -6.21 -6.82 -18.75
N VAL A 323 -5.97 -7.93 -18.06
CA VAL A 323 -5.46 -9.15 -18.69
C VAL A 323 -6.18 -10.37 -18.10
N SER A 324 -6.52 -11.32 -18.97
CA SER A 324 -7.17 -12.55 -18.52
C SER A 324 -6.66 -13.72 -19.37
N LEU A 325 -6.18 -14.76 -18.71
CA LEU A 325 -5.65 -15.94 -19.38
C LEU A 325 -6.22 -17.22 -18.78
N ARG A 326 -6.51 -18.19 -19.65
CA ARG A 326 -7.04 -19.48 -19.27
C ARG A 326 -6.68 -20.44 -20.39
N ASP A 327 -6.98 -21.72 -20.21
CA ASP A 327 -6.68 -22.71 -21.22
C ASP A 327 -7.14 -22.23 -22.60
N GLY A 328 -6.20 -22.19 -23.55
CA GLY A 328 -6.50 -21.77 -24.90
C GLY A 328 -6.98 -20.34 -25.06
N GLU A 329 -6.61 -19.45 -24.14
CA GLU A 329 -7.07 -18.07 -24.23
C GLU A 329 -6.20 -17.04 -23.49
N ALA A 330 -5.96 -15.91 -24.14
CA ALA A 330 -5.17 -14.82 -23.58
C ALA A 330 -5.66 -13.50 -24.16
N THR A 331 -6.01 -12.56 -23.28
CA THR A 331 -6.51 -11.26 -23.73
C THR A 331 -5.88 -10.08 -22.99
N LEU A 332 -5.56 -9.04 -23.76
CA LEU A 332 -4.98 -7.81 -23.23
C LEU A 332 -5.85 -6.64 -23.68
N GLU A 333 -6.26 -5.80 -22.73
CA GLU A 333 -7.07 -4.63 -23.04
C GLU A 333 -6.56 -3.39 -22.33
N VAL A 334 -6.72 -2.24 -22.98
CA VAL A 334 -6.34 -0.95 -22.42
C VAL A 334 -7.57 -0.06 -22.60
N ASP A 335 -8.14 0.39 -21.49
CA ASP A 335 -9.35 1.21 -21.49
C ASP A 335 -10.45 0.56 -22.36
N GLY A 336 -10.72 -0.71 -22.10
CA GLY A 336 -11.75 -1.42 -22.84
C GLY A 336 -11.47 -1.89 -24.26
N THR A 337 -10.34 -1.48 -24.83
CA THR A 337 -9.99 -1.88 -26.18
C THR A 337 -8.93 -2.99 -26.23
N ARG A 338 -9.26 -4.08 -26.92
CA ARG A 338 -8.38 -5.22 -27.04
C ARG A 338 -7.20 -4.98 -27.97
N GLY A 339 -6.02 -5.47 -27.58
CA GLY A 339 -4.84 -5.31 -28.41
C GLY A 339 -4.69 -6.49 -29.37
N GLN A 340 -3.95 -6.29 -30.46
CA GLN A 340 -3.75 -7.36 -31.45
C GLN A 340 -2.76 -8.43 -30.99
N SER A 341 -3.07 -9.68 -31.33
CA SER A 341 -2.21 -10.81 -30.98
C SER A 341 -0.90 -10.75 -31.77
N GLU A 342 0.20 -11.09 -31.12
CA GLU A 342 1.52 -11.07 -31.76
C GLU A 342 2.00 -12.45 -32.19
N VAL A 343 1.23 -13.49 -31.85
CA VAL A 343 1.58 -14.86 -32.21
C VAL A 343 0.43 -15.54 -32.94
N SER A 344 0.75 -16.67 -33.57
CA SER A 344 -0.26 -17.44 -34.31
C SER A 344 -1.04 -18.28 -33.31
N ALA A 345 -2.17 -18.81 -33.74
CA ALA A 345 -3.01 -19.64 -32.88
C ALA A 345 -2.26 -20.86 -32.36
N ALA A 346 -1.44 -21.46 -33.21
CA ALA A 346 -0.66 -22.63 -32.85
C ALA A 346 0.35 -22.35 -31.76
N GLN A 347 1.15 -21.30 -31.93
CA GLN A 347 2.15 -20.96 -30.93
C GLN A 347 1.54 -20.40 -29.64
N LEU A 348 0.32 -19.85 -29.73
CA LEU A 348 -0.36 -19.32 -28.56
C LEU A 348 -0.66 -20.50 -27.65
N GLN A 349 -1.09 -21.61 -28.26
CA GLN A 349 -1.41 -22.81 -27.50
C GLN A 349 -0.12 -23.40 -26.92
N GLU A 350 0.98 -23.24 -27.64
CA GLU A 350 2.28 -23.75 -27.19
C GLU A 350 2.71 -22.97 -25.95
N ARG A 351 2.63 -21.64 -26.03
CA ARG A 351 3.02 -20.78 -24.92
C ARG A 351 2.16 -21.03 -23.68
N LEU A 352 0.83 -21.05 -23.85
CA LEU A 352 -0.06 -21.28 -22.73
C LEU A 352 0.17 -22.64 -22.06
N ALA A 353 0.59 -23.62 -22.84
CA ALA A 353 0.88 -24.96 -22.31
C ALA A 353 2.05 -24.86 -21.35
N VAL A 354 3.06 -24.09 -21.74
CA VAL A 354 4.23 -23.90 -20.88
C VAL A 354 3.82 -23.14 -19.62
N LEU A 355 2.95 -22.13 -19.78
CA LEU A 355 2.48 -21.36 -18.63
C LEU A 355 1.83 -22.31 -17.62
N GLU A 356 0.98 -23.23 -18.11
CA GLU A 356 0.33 -24.21 -17.24
C GLU A 356 1.37 -24.96 -16.41
N ARG A 357 2.41 -25.47 -17.06
CA ARG A 357 3.45 -26.20 -16.35
C ARG A 357 4.04 -25.37 -15.24
N HIS A 358 4.27 -24.09 -15.50
CA HIS A 358 4.83 -23.18 -14.51
C HIS A 358 3.91 -23.02 -13.30
N LEU A 359 2.65 -22.68 -13.57
CA LEU A 359 1.67 -22.48 -12.50
C LEU A 359 1.42 -23.76 -11.73
N ARG A 360 1.91 -24.87 -12.26
CA ARG A 360 1.76 -26.17 -11.63
C ARG A 360 2.59 -26.23 -10.36
N SER A 361 3.58 -25.34 -10.27
CA SER A 361 4.47 -25.27 -9.10
C SER A 361 4.45 -23.87 -8.49
N PRO A 362 4.58 -23.77 -7.16
CA PRO A 362 4.59 -22.49 -6.46
C PRO A 362 5.42 -21.38 -7.08
N VAL A 363 4.76 -20.25 -7.36
CA VAL A 363 5.43 -19.09 -7.94
C VAL A 363 5.13 -17.89 -7.05
N LEU A 364 5.91 -16.82 -7.22
CA LEU A 364 5.69 -15.62 -6.45
C LEU A 364 5.16 -14.51 -7.36
N THR A 365 4.20 -13.74 -6.84
CA THR A 365 3.59 -12.66 -7.59
C THR A 365 4.20 -11.30 -7.22
N PHE A 366 4.73 -10.60 -8.20
CA PHE A 366 5.36 -9.30 -7.97
C PHE A 366 4.57 -8.10 -8.47
N ALA A 367 4.68 -6.99 -7.75
CA ALA A 367 4.01 -5.75 -8.11
C ALA A 367 5.03 -4.63 -8.28
N GLY A 368 5.05 -3.99 -9.46
CA GLY A 368 5.96 -2.88 -9.70
C GLY A 368 7.44 -3.13 -9.97
N GLY A 369 7.85 -4.38 -10.10
CA GLY A 369 9.25 -4.67 -10.36
C GLY A 369 9.57 -6.15 -10.27
N LEU A 370 10.83 -6.50 -10.47
CA LEU A 370 11.27 -7.89 -10.41
C LEU A 370 12.59 -8.02 -9.66
N PRO A 371 12.91 -9.24 -9.19
CA PRO A 371 14.19 -9.40 -8.48
C PRO A 371 15.25 -9.60 -9.57
N ASP A 372 16.49 -9.87 -9.18
CA ASP A 372 17.56 -10.08 -10.15
C ASP A 372 17.32 -11.29 -11.05
N VAL A 373 16.81 -11.06 -12.25
CA VAL A 373 16.54 -12.14 -13.19
C VAL A 373 17.32 -11.90 -14.48
N PRO A 374 17.55 -12.96 -15.27
CA PRO A 374 18.29 -12.81 -16.53
C PRO A 374 17.60 -11.76 -17.41
N VAL A 375 18.40 -10.94 -18.10
CA VAL A 375 17.85 -9.88 -18.94
C VAL A 375 17.01 -10.44 -20.10
N THR A 376 17.24 -11.69 -20.47
CA THR A 376 16.49 -12.32 -21.55
C THR A 376 15.24 -13.04 -21.04
N SER A 377 15.02 -12.94 -19.73
CA SER A 377 13.88 -13.60 -19.08
C SER A 377 12.52 -12.98 -19.43
N ALA A 378 12.49 -11.68 -19.71
CA ALA A 378 11.26 -10.99 -20.04
C ALA A 378 11.58 -9.73 -20.84
N PRO A 379 10.59 -9.18 -21.54
CA PRO A 379 10.78 -7.97 -22.34
C PRO A 379 11.25 -6.76 -21.52
N VAL A 380 10.62 -6.57 -20.35
CA VAL A 380 10.96 -5.44 -19.48
C VAL A 380 11.26 -5.93 -18.06
N THR A 381 12.26 -5.32 -17.42
CA THR A 381 12.64 -5.68 -16.05
C THR A 381 12.81 -4.42 -15.19
N ALA A 382 12.62 -3.25 -15.79
CA ALA A 382 12.75 -2.00 -15.04
C ALA A 382 11.63 -1.86 -14.02
N PHE A 383 11.86 -1.03 -13.00
CA PHE A 383 10.86 -0.78 -11.96
C PHE A 383 9.82 0.22 -12.46
N TYR A 384 8.57 0.02 -12.07
CA TYR A 384 7.51 0.94 -12.46
C TYR A 384 7.59 2.19 -11.61
N ARG A 385 7.22 3.32 -12.20
CA ARG A 385 7.21 4.60 -11.51
C ARG A 385 5.85 5.27 -11.73
N GLY A 386 5.10 5.51 -10.65
CA GLY A 386 3.79 6.13 -10.75
C GLY A 386 2.81 5.60 -9.73
N CYS A 387 1.52 5.90 -9.92
CA CYS A 387 0.48 5.44 -9.02
C CYS A 387 -0.14 4.17 -9.62
N MET A 388 -0.50 3.20 -8.77
CA MET A 388 -1.10 1.97 -9.28
C MET A 388 -1.92 1.19 -8.26
N THR A 389 -3.01 0.62 -8.73
CA THR A 389 -3.89 -0.22 -7.92
C THR A 389 -4.01 -1.53 -8.69
N LEU A 390 -3.91 -2.65 -7.97
CA LEU A 390 -3.99 -3.96 -8.61
C LEU A 390 -5.04 -4.88 -8.01
N GLU A 391 -5.74 -5.59 -8.89
CA GLU A 391 -6.75 -6.56 -8.47
C GLU A 391 -6.35 -7.87 -9.18
N VAL A 392 -6.13 -8.92 -8.41
CA VAL A 392 -5.73 -10.20 -9.00
C VAL A 392 -6.75 -11.29 -8.67
N ASN A 393 -7.19 -11.99 -9.71
CA ASN A 393 -8.20 -13.03 -9.59
C ASN A 393 -9.40 -12.50 -8.81
N ARG A 394 -9.82 -11.29 -9.17
CA ARG A 394 -10.97 -10.62 -8.56
C ARG A 394 -10.80 -10.22 -7.10
N ARG A 395 -9.55 -10.12 -6.65
CA ARG A 395 -9.27 -9.71 -5.27
C ARG A 395 -8.32 -8.53 -5.24
N LEU A 396 -8.78 -7.42 -4.65
CA LEU A 396 -7.97 -6.22 -4.53
C LEU A 396 -6.74 -6.51 -3.68
N LEU A 397 -5.56 -6.12 -4.17
CA LEU A 397 -4.33 -6.36 -3.40
C LEU A 397 -4.07 -5.22 -2.42
N ASP A 398 -3.90 -5.56 -1.15
CA ASP A 398 -3.59 -4.58 -0.12
C ASP A 398 -2.10 -4.73 0.17
N LEU A 399 -1.33 -3.70 -0.14
CA LEU A 399 0.11 -3.75 0.06
C LEU A 399 0.55 -4.03 1.50
N ASP A 400 -0.32 -3.74 2.47
CA ASP A 400 0.04 -4.00 3.86
C ASP A 400 -0.02 -5.50 4.15
N GLU A 401 -0.58 -6.26 3.20
CA GLU A 401 -0.68 -7.72 3.35
C GLU A 401 0.38 -8.50 2.54
N ALA A 402 1.28 -7.79 1.86
CA ALA A 402 2.33 -8.45 1.07
C ALA A 402 3.36 -9.17 1.95
N ALA A 403 3.94 -10.24 1.43
CA ALA A 403 4.99 -10.94 2.18
C ALA A 403 6.13 -9.95 2.37
N TYR A 404 6.27 -9.04 1.41
CA TYR A 404 7.31 -8.02 1.47
C TYR A 404 6.91 -6.81 0.63
N LYS A 405 7.16 -5.62 1.15
CA LYS A 405 6.88 -4.38 0.44
C LYS A 405 8.04 -3.42 0.68
N HIS A 406 8.74 -3.04 -0.39
CA HIS A 406 9.86 -2.11 -0.26
C HIS A 406 9.34 -0.89 0.50
N SER A 407 10.10 -0.48 1.52
CA SER A 407 9.70 0.62 2.40
C SER A 407 9.31 1.97 1.79
N ASP A 408 9.77 2.30 0.60
CA ASP A 408 9.43 3.59 0.00
C ASP A 408 8.08 3.63 -0.74
N ILE A 409 7.42 2.48 -0.86
CA ILE A 409 6.13 2.41 -1.53
C ILE A 409 5.03 2.78 -0.52
N THR A 410 4.16 3.73 -0.88
CA THR A 410 3.07 4.12 0.01
C THR A 410 1.85 3.29 -0.36
N ALA A 411 1.46 2.43 0.57
CA ALA A 411 0.36 1.49 0.38
C ALA A 411 -1.03 2.03 0.03
N HIS A 412 -1.43 3.14 0.66
CA HIS A 412 -2.77 3.65 0.43
C HIS A 412 -2.89 5.12 0.06
N SER A 413 -1.90 5.66 -0.63
CA SER A 413 -1.95 7.05 -1.06
C SER A 413 -0.94 7.34 -2.16
N CYS A 414 -1.27 8.33 -2.99
CA CYS A 414 -0.41 8.78 -4.07
C CYS A 414 -0.41 10.30 -4.14
N PRO A 415 0.74 10.89 -4.51
CA PRO A 415 0.78 12.35 -4.62
C PRO A 415 0.04 12.69 -5.92
N PRO A 416 -0.45 13.93 -6.07
CA PRO A 416 -1.15 14.24 -7.32
C PRO A 416 -0.13 14.65 -8.39
N VAL A 417 -0.57 14.67 -9.65
CA VAL A 417 0.31 15.11 -10.73
C VAL A 417 0.52 16.60 -10.45
N GLU A 418 1.74 17.09 -10.65
CA GLU A 418 2.04 18.52 -10.42
C GLU A 418 1.43 19.43 -11.48
N PRO A 419 0.58 20.38 -11.06
CA PRO A 419 -0.09 21.34 -11.95
C PRO A 419 0.92 22.32 -12.57
N ALA A 420 0.65 22.77 -13.80
CA ALA A 420 1.52 23.74 -14.46
C ALA A 420 1.22 25.10 -13.87
N ALA A 421 2.17 26.02 -13.98
CA ALA A 421 2.03 27.37 -13.41
C ALA A 421 0.89 28.25 -13.94
N ALA A 422 0.69 28.26 -15.25
CA ALA A 422 -0.36 29.09 -15.86
C ALA A 422 0.07 30.56 -15.91
CA CA B . -3.45 -0.76 6.64
S SO4 C . -5.54 21.74 4.86
O1 SO4 C . -4.07 21.61 4.92
O2 SO4 C . -6.11 21.73 6.22
O3 SO4 C . -6.09 20.59 4.10
O4 SO4 C . -5.90 22.99 4.19
S SO4 D . -10.69 -11.13 26.25
O1 SO4 D . -9.48 -10.54 26.86
O2 SO4 D . -11.86 -10.27 26.54
O3 SO4 D . -10.92 -12.48 26.81
O4 SO4 D . -10.49 -11.24 24.79
#